data_4B8X
#
_entry.id   4B8X
#
_cell.length_a   63.400
_cell.length_b   65.650
_cell.length_c   69.720
_cell.angle_alpha   90.00
_cell.angle_beta   90.00
_cell.angle_gamma   90.00
#
_symmetry.space_group_name_H-M   'P 21 21 21'
#
loop_
_entity.id
_entity.type
_entity.pdbx_description
1 polymer 'POSSIBLE MARR-TRANSCRIPTIONAL REGULATOR'
2 non-polymer 'CHLORIDE ION'
3 water water
#
_entity_poly.entity_id   1
_entity_poly.type   'polypeptide(L)'
_entity_poly.pdbx_seq_one_letter_code
;GPGVPSMAAITSIMRAQQILLGEVDAVVKPYGLTFARYEALVLLTFSKSGELPMSKIGERLMVHPTSVTNTVDRLVRSGL
VAKRPNPNDGRGTLATITDKGREVVEAATRDLMAMDFGLGAYDAEE(CME)GEIFAMLRPLRVAAGDFDED
;
_entity_poly.pdbx_strand_id   A,B
#
loop_
_chem_comp.id
_chem_comp.type
_chem_comp.name
_chem_comp.formula
CL non-polymer 'CHLORIDE ION' 'Cl -1'
#
# COMPACT_ATOMS: atom_id res chain seq x y z
N GLY A 3 15.31 9.19 -13.47
CA GLY A 3 15.77 7.78 -13.70
C GLY A 3 15.05 7.07 -14.85
N VAL A 4 14.66 5.82 -14.64
CA VAL A 4 13.83 5.09 -15.62
C VAL A 4 12.35 5.46 -15.31
N PRO A 5 11.52 5.83 -16.32
CA PRO A 5 10.16 6.33 -15.96
C PRO A 5 9.32 5.36 -15.13
N SER A 6 9.35 4.08 -15.46
CA SER A 6 8.56 3.12 -14.68
C SER A 6 9.02 3.02 -13.23
N MET A 7 10.32 3.09 -13.00
CA MET A 7 10.90 3.06 -11.65
CA MET A 7 10.87 3.05 -11.65
C MET A 7 10.44 4.27 -10.86
N ALA A 8 10.52 5.45 -11.47
CA ALA A 8 10.10 6.66 -10.80
C ALA A 8 8.62 6.61 -10.47
N ALA A 9 7.81 6.10 -11.39
CA ALA A 9 6.35 6.06 -11.19
C ALA A 9 5.97 5.08 -10.11
N ILE A 10 6.51 3.86 -10.15
CA ILE A 10 6.14 2.89 -9.14
C ILE A 10 6.57 3.35 -7.74
N THR A 11 7.77 3.90 -7.64
CA THR A 11 8.24 4.43 -6.36
C THR A 11 7.30 5.51 -5.84
N SER A 12 6.90 6.40 -6.74
CA SER A 12 6.01 7.45 -6.35
C SER A 12 4.67 6.93 -5.81
N ILE A 13 4.09 5.95 -6.50
CA ILE A 13 2.82 5.37 -6.08
C ILE A 13 2.98 4.66 -4.73
N MET A 14 4.05 3.87 -4.58
CA MET A 14 4.31 3.12 -3.34
CA MET A 14 4.22 3.16 -3.33
C MET A 14 4.45 4.10 -2.17
N ARG A 15 5.23 5.16 -2.38
CA ARG A 15 5.45 6.15 -1.33
C ARG A 15 4.17 6.89 -1.01
N ALA A 16 3.43 7.33 -2.04
CA ALA A 16 2.19 8.05 -1.77
C ALA A 16 1.24 7.19 -0.96
N GLN A 17 1.15 5.91 -1.30
CA GLN A 17 0.24 5.03 -0.58
C GLN A 17 0.67 4.91 0.88
N GLN A 18 1.98 4.79 1.14
CA GLN A 18 2.50 4.68 2.49
CA GLN A 18 2.44 4.63 2.51
C GLN A 18 2.21 5.91 3.31
N ILE A 19 2.45 7.06 2.70
CA ILE A 19 2.26 8.33 3.38
C ILE A 19 0.78 8.49 3.74
N LEU A 20 -0.11 8.30 2.77
CA LEU A 20 -1.53 8.48 3.02
C LEU A 20 -2.07 7.43 3.99
N LEU A 21 -1.65 6.18 3.86
CA LEU A 21 -2.11 5.16 4.78
C LEU A 21 -1.75 5.53 6.22
N GLY A 22 -0.53 6.00 6.46
CA GLY A 22 -0.15 6.40 7.81
C GLY A 22 -1.09 7.47 8.35
N GLU A 23 -1.40 8.46 7.53
CA GLU A 23 -2.29 9.56 7.95
CA GLU A 23 -2.28 9.55 7.97
C GLU A 23 -3.71 9.08 8.26
N VAL A 24 -4.29 8.30 7.36
CA VAL A 24 -5.68 7.88 7.56
C VAL A 24 -5.79 6.78 8.62
N ASP A 25 -4.79 5.91 8.77
CA ASP A 25 -4.78 4.98 9.90
C ASP A 25 -4.82 5.77 11.23
N ALA A 26 -4.09 6.88 11.32
CA ALA A 26 -4.06 7.62 12.57
C ALA A 26 -5.42 8.25 12.88
N VAL A 27 -6.14 8.67 11.85
CA VAL A 27 -7.43 9.29 12.06
C VAL A 27 -8.46 8.26 12.57
N VAL A 28 -8.42 7.01 12.08
CA VAL A 28 -9.43 6.04 12.46
C VAL A 28 -9.04 5.19 13.66
N LYS A 29 -7.79 5.27 14.10
CA LYS A 29 -7.31 4.54 15.28
C LYS A 29 -8.14 4.78 16.56
N PRO A 30 -8.57 6.04 16.85
CA PRO A 30 -9.37 6.24 18.07
C PRO A 30 -10.70 5.49 18.08
N TYR A 31 -11.19 5.09 16.90
CA TYR A 31 -12.40 4.28 16.79
C TYR A 31 -12.13 2.78 16.88
N GLY A 32 -10.87 2.39 17.11
CA GLY A 32 -10.50 0.99 17.16
C GLY A 32 -10.32 0.36 15.78
N LEU A 33 -10.24 1.21 14.75
CA LEU A 33 -10.18 0.74 13.37
C LEU A 33 -8.79 0.90 12.80
N THR A 34 -8.52 0.12 11.75
CA THR A 34 -7.52 0.44 10.75
C THR A 34 -8.25 0.92 9.51
N PHE A 35 -7.54 1.48 8.55
CA PHE A 35 -8.22 1.97 7.37
C PHE A 35 -8.90 0.82 6.63
N ALA A 36 -8.27 -0.35 6.61
CA ALA A 36 -8.85 -1.53 5.96
C ALA A 36 -10.20 -1.88 6.60
N ARG A 37 -10.29 -1.82 7.91
CA ARG A 37 -11.55 -2.12 8.58
C ARG A 37 -12.61 -1.03 8.32
N TYR A 38 -12.16 0.22 8.27
CA TYR A 38 -13.03 1.33 7.91
C TYR A 38 -13.61 1.10 6.52
N GLU A 39 -12.77 0.71 5.56
CA GLU A 39 -13.25 0.52 4.20
C GLU A 39 -14.31 -0.57 4.13
N ALA A 40 -14.16 -1.62 4.92
CA ALA A 40 -15.16 -2.69 4.93
C ALA A 40 -16.51 -2.19 5.47
N LEU A 41 -16.48 -1.38 6.53
CA LEU A 41 -17.72 -0.80 7.06
C LEU A 41 -18.38 0.09 6.01
N VAL A 42 -17.61 0.95 5.33
CA VAL A 42 -18.19 1.82 4.33
C VAL A 42 -18.87 0.97 3.24
N LEU A 43 -18.21 -0.11 2.78
CA LEU A 43 -18.79 -0.96 1.77
C LEU A 43 -20.17 -1.45 2.22
N LEU A 44 -20.25 -1.92 3.46
CA LEU A 44 -21.53 -2.42 3.96
C LEU A 44 -22.62 -1.33 3.97
N THR A 45 -22.26 -0.08 4.25
CA THR A 45 -23.24 1.00 4.27
C THR A 45 -23.76 1.36 2.87
N PHE A 46 -23.17 0.81 1.81
CA PHE A 46 -23.68 0.98 0.44
C PHE A 46 -24.29 -0.31 -0.13
N SER A 47 -24.45 -1.31 0.73
CA SER A 47 -24.98 -2.61 0.34
C SER A 47 -26.39 -2.74 0.88
N LYS A 48 -27.25 -3.42 0.11
CA LYS A 48 -28.61 -3.62 0.56
C LYS A 48 -28.62 -4.29 1.95
N SER A 49 -29.45 -3.74 2.85
CA SER A 49 -29.62 -4.19 4.24
C SER A 49 -28.33 -4.17 5.07
N GLY A 50 -27.31 -3.51 4.57
CA GLY A 50 -26.04 -3.44 5.26
C GLY A 50 -25.30 -4.76 5.34
N GLU A 51 -25.58 -5.65 4.38
CA GLU A 51 -25.10 -7.03 4.42
CA GLU A 51 -25.15 -7.05 4.40
C GLU A 51 -24.42 -7.43 3.12
N LEU A 52 -23.35 -8.20 3.22
CA LEU A 52 -22.70 -8.79 2.06
C LEU A 52 -22.10 -10.15 2.41
N PRO A 53 -22.08 -11.08 1.45
CA PRO A 53 -21.30 -12.29 1.67
C PRO A 53 -19.81 -11.95 1.80
N MET A 54 -19.10 -12.71 2.62
CA MET A 54 -17.70 -12.42 2.83
CA MET A 54 -17.66 -12.56 2.83
C MET A 54 -16.89 -12.61 1.52
N SER A 55 -17.33 -13.49 0.64
CA SER A 55 -16.64 -13.68 -0.64
C SER A 55 -16.73 -12.39 -1.47
N LYS A 56 -17.88 -11.74 -1.40
CA LYS A 56 -18.12 -10.51 -2.11
C LYS A 56 -17.32 -9.35 -1.52
N ILE A 57 -17.19 -9.32 -0.20
CA ILE A 57 -16.36 -8.31 0.43
C ILE A 57 -14.89 -8.43 -0.07
N GLY A 58 -14.38 -9.66 -0.14
CA GLY A 58 -13.03 -9.86 -0.67
C GLY A 58 -12.83 -9.41 -2.10
N GLU A 59 -13.84 -9.66 -2.94
CA GLU A 59 -13.81 -9.28 -4.34
CA GLU A 59 -13.82 -9.29 -4.34
C GLU A 59 -13.80 -7.78 -4.49
N ARG A 60 -14.63 -7.10 -3.71
CA ARG A 60 -14.78 -5.67 -3.81
C ARG A 60 -13.58 -4.93 -3.22
N LEU A 61 -12.99 -5.45 -2.14
CA LEU A 61 -11.82 -4.84 -1.51
C LEU A 61 -10.46 -5.37 -2.05
N MET A 62 -10.52 -6.42 -2.85
CA MET A 62 -9.32 -7.03 -3.43
C MET A 62 -8.31 -7.43 -2.38
N VAL A 63 -8.80 -8.16 -1.38
CA VAL A 63 -7.95 -8.73 -0.36
C VAL A 63 -8.20 -10.25 -0.26
N HIS A 64 -7.22 -10.94 0.30
CA HIS A 64 -7.24 -12.40 0.45
C HIS A 64 -8.36 -12.80 1.39
N PRO A 65 -8.94 -14.00 1.19
CA PRO A 65 -10.03 -14.40 2.07
C PRO A 65 -9.67 -14.37 3.56
N THR A 66 -8.43 -14.69 3.90
CA THR A 66 -8.04 -14.67 5.30
C THR A 66 -7.96 -13.26 5.85
N SER A 67 -7.68 -12.27 4.98
CA SER A 67 -7.72 -10.86 5.39
CA SER A 67 -7.73 -10.87 5.40
C SER A 67 -9.17 -10.40 5.62
N VAL A 68 -10.10 -10.84 4.76
CA VAL A 68 -11.52 -10.54 4.97
C VAL A 68 -11.95 -11.12 6.32
N THR A 69 -11.56 -12.36 6.62
CA THR A 69 -11.94 -12.94 7.89
C THR A 69 -11.33 -12.15 9.04
N ASN A 70 -10.06 -11.76 8.92
CA ASN A 70 -9.41 -10.96 9.98
C ASN A 70 -10.18 -9.67 10.24
N THR A 71 -10.48 -8.98 9.15
CA THR A 71 -11.20 -7.70 9.24
C THR A 71 -12.61 -7.83 9.81
N VAL A 72 -13.38 -8.75 9.26
CA VAL A 72 -14.76 -8.95 9.72
C VAL A 72 -14.76 -9.40 11.17
N ASP A 73 -13.86 -10.32 11.51
CA ASP A 73 -13.88 -10.89 12.87
C ASP A 73 -13.46 -9.77 13.86
N ARG A 74 -12.53 -8.88 13.50
CA ARG A 74 -12.17 -7.76 14.37
CA ARG A 74 -12.19 -7.77 14.39
C ARG A 74 -13.31 -6.74 14.49
N LEU A 75 -14.09 -6.57 13.42
CA LEU A 75 -15.27 -5.70 13.47
C LEU A 75 -16.33 -6.32 14.38
N VAL A 76 -16.47 -7.66 14.34
CA VAL A 76 -17.39 -8.35 15.25
C VAL A 76 -16.92 -8.17 16.69
N ARG A 77 -15.63 -8.36 16.92
CA ARG A 77 -15.07 -8.21 18.27
C ARG A 77 -15.43 -6.84 18.87
N SER A 78 -15.46 -5.82 18.01
CA SER A 78 -15.78 -4.45 18.40
C SER A 78 -17.31 -4.11 18.42
N GLY A 79 -18.15 -5.09 18.09
CA GLY A 79 -19.60 -4.86 18.02
C GLY A 79 -20.11 -4.08 16.82
N LEU A 80 -19.28 -3.98 15.79
CA LEU A 80 -19.60 -3.15 14.61
C LEU A 80 -20.23 -3.93 13.45
N VAL A 81 -20.06 -5.26 13.45
CA VAL A 81 -20.59 -6.14 12.46
C VAL A 81 -21.07 -7.39 13.20
N ALA A 82 -22.04 -8.07 12.61
CA ALA A 82 -22.50 -9.39 13.01
C ALA A 82 -22.42 -10.36 11.82
N LYS A 83 -22.11 -11.63 12.10
CA LYS A 83 -22.08 -12.67 11.08
C LYS A 83 -23.24 -13.65 11.22
N ARG A 84 -23.66 -14.22 10.10
CA ARG A 84 -24.58 -15.35 10.09
CA ARG A 84 -24.62 -15.31 10.07
C ARG A 84 -24.38 -16.12 8.81
N PRO A 85 -24.83 -17.39 8.80
CA PRO A 85 -24.66 -18.16 7.58
C PRO A 85 -25.52 -17.55 6.46
N ASN A 86 -25.05 -17.69 5.24
CA ASN A 86 -25.80 -17.27 4.07
C ASN A 86 -26.89 -18.29 3.74
N PRO A 87 -28.18 -17.90 3.77
CA PRO A 87 -29.23 -18.83 3.31
C PRO A 87 -29.00 -19.25 1.85
N GLY A 92 -21.95 -19.91 2.21
CA GLY A 92 -21.02 -18.91 2.73
C GLY A 92 -21.48 -18.23 4.01
N THR A 93 -20.90 -17.07 4.30
CA THR A 93 -21.20 -16.32 5.50
C THR A 93 -21.51 -14.90 5.12
N LEU A 94 -22.56 -14.35 5.72
CA LEU A 94 -22.92 -12.95 5.55
C LEU A 94 -22.42 -12.09 6.72
N ALA A 95 -21.85 -10.94 6.38
CA ALA A 95 -21.47 -9.93 7.34
C ALA A 95 -22.45 -8.76 7.25
N THR A 96 -22.98 -8.30 8.39
CA THR A 96 -23.99 -7.23 8.43
C THR A 96 -23.51 -6.16 9.40
N ILE A 97 -23.52 -4.89 8.96
CA ILE A 97 -23.13 -3.80 9.85
C ILE A 97 -24.21 -3.58 10.90
N THR A 98 -23.78 -3.36 12.13
CA THR A 98 -24.69 -3.11 13.25
C THR A 98 -24.97 -1.60 13.34
N ASP A 99 -25.96 -1.22 14.13
CA ASP A 99 -26.19 0.20 14.40
C ASP A 99 -24.96 0.90 15.01
N LYS A 100 -24.24 0.23 15.91
CA LYS A 100 -23.00 0.79 16.45
C LYS A 100 -21.97 0.96 15.31
N GLY A 101 -21.89 -0.03 14.42
CA GLY A 101 -21.03 0.09 13.24
C GLY A 101 -21.35 1.31 12.39
N ARG A 102 -22.64 1.55 12.17
CA ARG A 102 -23.07 2.72 11.40
C ARG A 102 -22.67 4.02 12.09
N GLU A 103 -22.82 4.08 13.40
CA GLU A 103 -22.44 5.27 14.15
CA GLU A 103 -22.44 5.27 14.16
C GLU A 103 -20.93 5.53 14.03
N VAL A 104 -20.15 4.48 14.17
CA VAL A 104 -18.71 4.63 14.12
C VAL A 104 -18.24 5.04 12.73
N VAL A 105 -18.77 4.42 11.69
CA VAL A 105 -18.28 4.77 10.38
CA VAL A 105 -18.45 4.75 10.29
C VAL A 105 -18.72 6.21 10.00
N GLU A 106 -19.89 6.68 10.47
CA GLU A 106 -20.31 8.08 10.29
CA GLU A 106 -20.27 8.07 10.23
C GLU A 106 -19.27 9.03 10.91
N ALA A 107 -18.90 8.75 12.14
CA ALA A 107 -17.97 9.59 12.86
C ALA A 107 -16.58 9.56 12.21
N ALA A 108 -16.11 8.37 11.83
CA ALA A 108 -14.79 8.25 11.21
C ALA A 108 -14.77 8.98 9.86
N THR A 109 -15.83 8.84 9.07
CA THR A 109 -15.91 9.53 7.78
C THR A 109 -15.85 11.04 7.94
N ARG A 110 -16.57 11.58 8.92
CA ARG A 110 -16.52 13.03 9.13
CA ARG A 110 -16.54 13.02 9.22
C ARG A 110 -15.10 13.47 9.47
N ASP A 111 -14.39 12.72 10.30
CA ASP A 111 -13.02 13.07 10.63
C ASP A 111 -12.10 12.99 9.40
N LEU A 112 -12.22 11.92 8.61
CA LEU A 112 -11.39 11.76 7.40
C LEU A 112 -11.66 12.88 6.40
N MET A 113 -12.93 13.23 6.22
CA MET A 113 -13.33 14.30 5.30
CA MET A 113 -13.27 14.29 5.29
C MET A 113 -12.72 15.63 5.75
N ALA A 114 -12.73 15.85 7.05
CA ALA A 114 -12.19 17.10 7.61
C ALA A 114 -10.70 17.28 7.27
N MET A 115 -9.93 16.19 7.16
CA MET A 115 -8.52 16.24 6.77
C MET A 115 -8.24 15.78 5.34
N ASP A 116 -9.29 15.74 4.53
CA ASP A 116 -9.18 15.44 3.09
C ASP A 116 -8.42 14.17 2.78
N PHE A 117 -8.58 13.17 3.65
CA PHE A 117 -7.91 11.88 3.44
C PHE A 117 -6.40 12.04 3.21
N GLY A 118 -5.80 13.07 3.82
CA GLY A 118 -4.36 13.26 3.72
C GLY A 118 -3.90 14.09 2.52
N LEU A 119 -4.82 14.59 1.73
CA LEU A 119 -4.51 15.22 0.44
C LEU A 119 -4.84 16.70 0.41
N GLY A 120 -5.08 17.31 1.56
CA GLY A 120 -5.52 18.69 1.62
C GLY A 120 -4.53 19.73 1.14
N ALA A 121 -3.24 19.38 1.04
CA ALA A 121 -2.26 20.30 0.50
C ALA A 121 -2.37 20.45 -1.02
N TYR A 122 -3.07 19.53 -1.67
CA TYR A 122 -3.39 19.62 -3.08
C TYR A 122 -4.67 20.40 -3.29
N ASP A 123 -4.77 21.09 -4.41
CA ASP A 123 -6.05 21.68 -4.77
C ASP A 123 -6.91 20.66 -5.54
N ALA A 124 -8.16 21.03 -5.83
CA ALA A 124 -9.09 20.10 -6.46
C ALA A 124 -8.59 19.67 -7.82
N GLU A 125 -7.97 20.60 -8.56
CA GLU A 125 -7.42 20.27 -9.87
C GLU A 125 -6.37 19.15 -9.77
N GLU A 126 -5.47 19.29 -8.81
CA GLU A 126 -4.43 18.30 -8.59
C GLU A 126 -4.99 16.93 -8.18
N CME A 127 -5.96 16.92 -7.28
CA CME A 127 -6.60 15.66 -6.92
CB CME A 127 -7.56 15.84 -5.74
SG CME A 127 -6.64 15.90 -4.19
SD CME A 127 -7.94 16.19 -2.76
CE CME A 127 -7.59 17.83 -2.24
CZ CME A 127 -8.50 18.73 -3.03
OH CME A 127 -8.39 20.05 -2.51
C CME A 127 -7.29 15.03 -8.10
O CME A 127 -7.26 13.79 -8.27
N GLY A 128 -7.96 15.84 -8.94
CA GLY A 128 -8.59 15.30 -10.11
C GLY A 128 -7.61 14.71 -11.09
N GLU A 129 -6.42 15.34 -11.21
CA GLU A 129 -5.36 14.84 -12.06
C GLU A 129 -4.83 13.50 -11.58
N ILE A 130 -4.71 13.32 -10.26
CA ILE A 130 -4.28 12.05 -9.69
C ILE A 130 -5.26 10.93 -10.07
N PHE A 131 -6.56 11.22 -9.92
CA PHE A 131 -7.61 10.29 -10.32
C PHE A 131 -7.47 9.95 -11.81
N ALA A 132 -7.39 10.98 -12.64
CA ALA A 132 -7.39 10.78 -14.07
C ALA A 132 -6.15 10.01 -14.55
N MET A 133 -4.99 10.28 -13.96
CA MET A 133 -3.75 9.66 -14.42
C MET A 133 -3.67 8.18 -14.09
N LEU A 134 -4.33 7.76 -13.00
CA LEU A 134 -4.29 6.37 -12.57
C LEU A 134 -5.47 5.57 -13.09
N ARG A 135 -6.42 6.25 -13.73
CA ARG A 135 -7.65 5.58 -14.18
C ARG A 135 -7.39 4.45 -15.19
N PRO A 136 -6.50 4.66 -16.18
CA PRO A 136 -6.31 3.59 -17.19
C PRO A 136 -5.76 2.29 -16.55
N LEU A 137 -4.85 2.41 -15.60
CA LEU A 137 -4.35 1.26 -14.88
C LEU A 137 -5.49 0.48 -14.18
N ARG A 138 -6.40 1.24 -13.58
CA ARG A 138 -7.55 0.65 -12.91
C ARG A 138 -8.56 0.04 -13.87
N VAL A 139 -8.75 0.66 -15.03
CA VAL A 139 -9.63 0.08 -16.05
C VAL A 139 -9.11 -1.30 -16.46
N ALA A 140 -7.81 -1.42 -16.68
CA ALA A 140 -7.22 -2.71 -17.08
C ALA A 140 -7.35 -3.75 -16.01
N ALA A 141 -7.40 -3.34 -14.74
CA ALA A 141 -7.57 -4.28 -13.63
C ALA A 141 -9.05 -4.66 -13.41
N GLY A 142 -9.97 -4.08 -14.17
CA GLY A 142 -11.41 -4.40 -14.08
C GLY A 142 -12.22 -3.51 -13.15
N ASP A 143 -11.63 -2.42 -12.65
CA ASP A 143 -12.29 -1.58 -11.62
C ASP A 143 -13.55 -0.87 -12.14
N PHE A 144 -13.70 -0.72 -13.45
CA PHE A 144 -14.79 0.07 -14.04
C PHE A 144 -15.68 -0.79 -14.97
N ASP A 145 -15.67 -2.08 -14.72
CA ASP A 145 -16.58 -2.98 -15.40
C ASP A 145 -17.23 -3.96 -14.42
N GLU A 146 -18.47 -4.31 -14.71
CA GLU A 146 -19.15 -5.39 -13.98
C GLU A 146 -18.64 -6.75 -14.48
N GLY B 3 -17.03 11.83 -7.64
CA GLY B 3 -17.20 11.81 -6.16
C GLY B 3 -16.59 13.04 -5.51
N VAL B 4 -16.10 12.91 -4.28
CA VAL B 4 -15.33 13.96 -3.59
C VAL B 4 -13.86 13.84 -4.07
N PRO B 5 -13.19 14.95 -4.43
CA PRO B 5 -11.86 14.79 -5.05
C PRO B 5 -10.86 14.02 -4.18
N SER B 6 -10.82 14.31 -2.88
CA SER B 6 -9.89 13.60 -2.01
C SER B 6 -10.17 12.09 -1.96
N MET B 7 -11.43 11.74 -1.96
CA MET B 7 -11.87 10.33 -1.90
CA MET B 7 -11.83 10.34 -1.88
C MET B 7 -11.46 9.62 -3.18
N ALA B 8 -11.70 10.28 -4.31
CA ALA B 8 -11.36 9.73 -5.58
C ALA B 8 -9.84 9.52 -5.70
N ALA B 9 -9.09 10.51 -5.27
CA ALA B 9 -7.64 10.45 -5.37
C ALA B 9 -7.04 9.39 -4.44
N ILE B 10 -7.45 9.33 -3.18
CA ILE B 10 -6.88 8.33 -2.29
C ILE B 10 -7.24 6.92 -2.78
N THR B 11 -8.48 6.72 -3.22
CA THR B 11 -8.87 5.43 -3.75
C THR B 11 -7.99 5.04 -4.94
N SER B 12 -7.74 5.99 -5.81
CA SER B 12 -6.92 5.74 -6.98
CA SER B 12 -6.96 5.67 -6.99
C SER B 12 -5.49 5.32 -6.63
N ILE B 13 -4.90 6.03 -5.66
CA ILE B 13 -3.54 5.72 -5.22
C ILE B 13 -3.50 4.34 -4.56
N MET B 14 -4.49 4.06 -3.70
CA MET B 14 -4.57 2.77 -3.01
CA MET B 14 -4.48 2.78 -3.04
C MET B 14 -4.69 1.63 -4.01
N ARG B 15 -5.58 1.79 -4.98
CA ARG B 15 -5.76 0.76 -6.00
C ARG B 15 -4.51 0.58 -6.84
N ALA B 16 -3.91 1.69 -7.29
CA ALA B 16 -2.72 1.57 -8.10
C ALA B 16 -1.62 0.83 -7.35
N GLN B 17 -1.45 1.12 -6.07
CA GLN B 17 -0.43 0.44 -5.29
C GLN B 17 -0.73 -1.06 -5.19
N GLN B 18 -2.00 -1.42 -4.99
CA GLN B 18 -2.35 -2.84 -4.90
C GLN B 18 -2.11 -3.57 -6.23
N ILE B 19 -2.47 -2.92 -7.34
CA ILE B 19 -2.31 -3.51 -8.67
C ILE B 19 -0.84 -3.74 -8.94
N LEU B 20 -0.03 -2.71 -8.77
CA LEU B 20 1.39 -2.81 -9.08
C LEU B 20 2.10 -3.73 -8.12
N LEU B 21 1.79 -3.66 -6.83
CA LEU B 21 2.43 -4.55 -5.87
C LEU B 21 2.19 -6.01 -6.25
N GLY B 22 0.96 -6.34 -6.63
CA GLY B 22 0.64 -7.70 -7.05
C GLY B 22 1.57 -8.16 -8.17
N GLU B 23 1.77 -7.30 -9.16
CA GLU B 23 2.60 -7.66 -10.29
C GLU B 23 4.06 -7.81 -9.92
N VAL B 24 4.61 -6.83 -9.20
CA VAL B 24 6.05 -6.89 -8.90
C VAL B 24 6.38 -7.95 -7.85
N ASP B 25 5.48 -8.19 -6.88
CA ASP B 25 5.72 -9.27 -5.93
C ASP B 25 5.83 -10.61 -6.67
N ALA B 26 4.98 -10.85 -7.67
CA ALA B 26 5.03 -12.10 -8.44
C ALA B 26 6.36 -12.29 -9.16
N VAL B 27 6.92 -11.18 -9.65
CA VAL B 27 8.21 -11.23 -10.34
C VAL B 27 9.36 -11.62 -9.40
N VAL B 28 9.33 -11.13 -8.17
CA VAL B 28 10.47 -11.36 -7.28
C VAL B 28 10.30 -12.59 -6.37
N LYS B 29 9.08 -13.12 -6.30
CA LYS B 29 8.80 -14.28 -5.45
C LYS B 29 9.74 -15.47 -5.71
N PRO B 30 10.06 -15.78 -6.98
CA PRO B 30 11.00 -16.91 -7.17
C PRO B 30 12.40 -16.75 -6.57
N TYR B 31 12.80 -15.53 -6.26
CA TYR B 31 14.08 -15.26 -5.59
C TYR B 31 13.96 -15.28 -4.08
N GLY B 32 12.77 -15.63 -3.55
CA GLY B 32 12.53 -15.58 -2.12
C GLY B 32 12.35 -14.18 -1.58
N LEU B 33 11.96 -13.26 -2.46
CA LEU B 33 11.79 -11.86 -2.11
C LEU B 33 10.33 -11.41 -2.15
N THR B 34 10.05 -10.35 -1.40
CA THR B 34 8.93 -9.46 -1.70
C THR B 34 9.53 -8.19 -2.27
N PHE B 35 8.71 -7.34 -2.86
CA PHE B 35 9.21 -6.10 -3.41
C PHE B 35 9.93 -5.24 -2.35
N ALA B 36 9.40 -5.18 -1.13
CA ALA B 36 10.05 -4.40 -0.06
C ALA B 36 11.46 -4.92 0.22
N ARG B 37 11.60 -6.24 0.21
CA ARG B 37 12.92 -6.83 0.49
C ARG B 37 13.86 -6.59 -0.68
N TYR B 38 13.35 -6.68 -1.90
CA TYR B 38 14.09 -6.28 -3.09
C TYR B 38 14.62 -4.83 -2.98
N GLU B 39 13.77 -3.89 -2.55
CA GLU B 39 14.19 -2.51 -2.48
C GLU B 39 15.34 -2.31 -1.50
N ALA B 40 15.34 -3.05 -0.40
CA ALA B 40 16.43 -3.02 0.57
C ALA B 40 17.76 -3.52 -0.02
N LEU B 41 17.71 -4.60 -0.78
CA LEU B 41 18.90 -5.07 -1.49
C LEU B 41 19.43 -4.04 -2.47
N VAL B 42 18.54 -3.44 -3.25
CA VAL B 42 18.98 -2.42 -4.20
C VAL B 42 19.74 -1.31 -3.47
N LEU B 43 19.18 -0.85 -2.36
CA LEU B 43 19.84 0.20 -1.62
C LEU B 43 21.28 -0.19 -1.24
N LEU B 44 21.45 -1.41 -0.75
CA LEU B 44 22.79 -1.84 -0.40
C LEU B 44 23.78 -1.85 -1.57
N THR B 45 23.30 -2.12 -2.79
CA THR B 45 24.17 -2.08 -3.98
C THR B 45 24.55 -0.64 -4.40
N PHE B 46 23.97 0.37 -3.75
CA PHE B 46 24.36 1.77 -3.96
C PHE B 46 25.05 2.37 -2.72
N SER B 47 25.46 1.50 -1.80
CA SER B 47 26.06 1.93 -0.55
C SER B 47 27.52 1.46 -0.50
N LYS B 48 28.38 2.29 0.09
CA LYS B 48 29.79 1.94 0.25
C LYS B 48 29.93 0.55 0.88
N SER B 49 30.69 -0.31 0.18
CA SER B 49 31.02 -1.68 0.61
C SER B 49 29.80 -2.58 0.74
N GLY B 50 28.69 -2.19 0.14
CA GLY B 50 27.44 -2.95 0.27
C GLY B 50 26.85 -3.01 1.65
N GLU B 51 27.18 -2.04 2.50
CA GLU B 51 26.91 -2.10 3.92
C GLU B 51 26.23 -0.84 4.40
N LEU B 52 25.19 -0.98 5.23
CA LEU B 52 24.61 0.15 5.95
C LEU B 52 24.17 -0.22 7.35
N PRO B 53 24.23 0.75 8.28
CA PRO B 53 23.57 0.52 9.57
C PRO B 53 22.09 0.38 9.33
N MET B 54 21.43 -0.42 10.15
CA MET B 54 19.98 -0.66 10.04
CA MET B 54 20.01 -0.65 9.92
C MET B 54 19.20 0.65 10.08
N SER B 55 19.66 1.57 10.93
CA SER B 55 19.01 2.87 11.09
C SER B 55 19.01 3.66 9.78
N LYS B 56 20.14 3.62 9.05
CA LYS B 56 20.28 4.33 7.78
C LYS B 56 19.44 3.66 6.66
N ILE B 57 19.31 2.34 6.70
CA ILE B 57 18.44 1.65 5.75
C ILE B 57 17.01 2.20 5.87
N GLY B 58 16.51 2.30 7.09
CA GLY B 58 15.16 2.83 7.33
C GLY B 58 15.03 4.27 6.87
N GLU B 59 16.03 5.11 7.17
CA GLU B 59 16.01 6.51 6.75
C GLU B 59 15.96 6.67 5.22
N ARG B 60 16.72 5.84 4.51
CA ARG B 60 16.81 5.96 3.06
C ARG B 60 15.58 5.39 2.35
N LEU B 61 15.02 4.31 2.88
CA LEU B 61 13.81 3.70 2.32
C LEU B 61 12.52 4.35 2.85
N MET B 62 12.65 5.21 3.86
CA MET B 62 11.52 5.84 4.54
CA MET B 62 11.51 5.83 4.53
C MET B 62 10.58 4.75 5.08
N VAL B 63 11.16 3.79 5.78
CA VAL B 63 10.41 2.73 6.44
C VAL B 63 10.76 2.65 7.91
N HIS B 64 9.73 2.29 8.67
CA HIS B 64 9.84 2.11 10.11
CA HIS B 64 9.76 2.02 10.11
C HIS B 64 10.88 1.10 10.52
N PRO B 65 11.62 1.39 11.63
CA PRO B 65 12.67 0.43 12.05
C PRO B 65 12.23 -1.03 12.20
N THR B 66 10.98 -1.24 12.61
CA THR B 66 10.46 -2.60 12.80
C THR B 66 10.34 -3.34 11.45
N SER B 67 10.06 -2.58 10.39
CA SER B 67 10.01 -3.11 9.03
CA SER B 67 10.00 -3.13 9.05
C SER B 67 11.42 -3.44 8.56
N VAL B 68 12.39 -2.56 8.87
CA VAL B 68 13.77 -2.83 8.47
C VAL B 68 14.25 -4.14 9.11
N THR B 69 13.94 -4.32 10.39
CA THR B 69 14.40 -5.49 11.13
C THR B 69 13.89 -6.76 10.51
N ASN B 70 12.60 -6.78 10.21
CA ASN B 70 11.95 -7.94 9.61
CA ASN B 70 12.01 -7.98 9.64
C ASN B 70 12.54 -8.21 8.23
N THR B 71 12.69 -7.15 7.44
CA THR B 71 13.24 -7.26 6.09
C THR B 71 14.67 -7.82 6.12
N VAL B 72 15.53 -7.25 6.95
CA VAL B 72 16.93 -7.67 7.03
C VAL B 72 17.00 -9.12 7.49
N ASP B 73 16.21 -9.48 8.50
CA ASP B 73 16.21 -10.85 8.98
C ASP B 73 15.85 -11.87 7.90
N ARG B 74 14.84 -11.55 7.10
CA ARG B 74 14.42 -12.42 6.00
CA ARG B 74 14.44 -12.45 6.02
C ARG B 74 15.46 -12.47 4.88
N LEU B 75 16.14 -11.35 4.63
CA LEU B 75 17.24 -11.38 3.66
C LEU B 75 18.39 -12.27 4.17
N VAL B 76 18.69 -12.19 5.47
CA VAL B 76 19.74 -13.04 6.07
C VAL B 76 19.31 -14.50 5.96
N ARG B 77 18.05 -14.75 6.30
CA ARG B 77 17.53 -16.10 6.22
C ARG B 77 17.72 -16.72 4.83
N SER B 78 17.60 -15.88 3.79
CA SER B 78 17.78 -16.31 2.40
C SER B 78 19.26 -16.30 1.91
N GLY B 79 20.21 -15.92 2.76
CA GLY B 79 21.62 -15.89 2.41
C GLY B 79 22.02 -14.67 1.60
N LEU B 80 21.18 -13.63 1.60
CA LEU B 80 21.37 -12.49 0.68
C LEU B 80 22.02 -11.29 1.37
N VAL B 81 21.99 -11.28 2.70
CA VAL B 81 22.58 -10.26 3.56
C VAL B 81 23.24 -11.00 4.73
N ALA B 82 24.28 -10.39 5.28
CA ALA B 82 24.86 -10.79 6.55
C ALA B 82 24.77 -9.63 7.52
N LYS B 83 24.56 -9.95 8.81
CA LYS B 83 24.48 -8.96 9.87
C LYS B 83 25.68 -9.09 10.78
N ARG B 84 26.13 -7.97 11.33
CA ARG B 84 27.14 -7.90 12.37
C ARG B 84 26.91 -6.69 13.23
N PRO B 85 27.46 -6.70 14.45
CA PRO B 85 27.33 -5.52 15.28
C PRO B 85 28.05 -4.33 14.66
N ASN B 86 27.51 -3.14 14.95
CA ASN B 86 28.10 -1.92 14.47
C ASN B 86 29.18 -1.47 15.48
N PRO B 87 30.45 -1.36 15.02
CA PRO B 87 31.54 -0.94 15.90
C PRO B 87 31.72 0.57 15.87
N THR B 93 23.41 -2.42 14.53
CA THR B 93 23.63 -3.53 13.60
C THR B 93 23.91 -3.06 12.18
N LEU B 94 24.93 -3.66 11.54
CA LEU B 94 25.29 -3.38 10.15
C LEU B 94 24.78 -4.53 9.29
N ALA B 95 24.13 -4.20 8.18
CA ALA B 95 23.70 -5.17 7.18
C ALA B 95 24.57 -5.03 5.95
N THR B 96 25.08 -6.15 5.46
CA THR B 96 25.95 -6.17 4.28
C THR B 96 25.42 -7.16 3.26
N ILE B 97 25.29 -6.71 2.02
CA ILE B 97 24.81 -7.59 0.95
C ILE B 97 25.88 -8.63 0.66
N THR B 98 25.47 -9.89 0.47
CA THR B 98 26.40 -10.96 0.14
C THR B 98 26.55 -11.08 -1.36
N ASP B 99 27.52 -11.84 -1.81
CA ASP B 99 27.64 -12.09 -3.24
C ASP B 99 26.39 -12.75 -3.86
N LYS B 100 25.76 -13.67 -3.13
CA LYS B 100 24.48 -14.26 -3.58
C LYS B 100 23.41 -13.15 -3.69
N GLY B 101 23.41 -12.24 -2.72
CA GLY B 101 22.49 -11.10 -2.74
C GLY B 101 22.68 -10.24 -3.96
N ARG B 102 23.93 -9.97 -4.31
CA ARG B 102 24.21 -9.18 -5.51
C ARG B 102 23.74 -9.90 -6.78
N GLU B 103 23.95 -11.20 -6.86
CA GLU B 103 23.49 -11.98 -8.03
CA GLU B 103 23.50 -11.99 -8.01
C GLU B 103 21.96 -11.92 -8.11
N VAL B 104 21.28 -12.09 -6.99
CA VAL B 104 19.83 -12.03 -6.98
C VAL B 104 19.26 -10.67 -7.38
N VAL B 105 19.83 -9.60 -6.85
CA VAL B 105 19.24 -8.33 -7.18
CA VAL B 105 19.41 -8.21 -7.19
C VAL B 105 19.51 -7.98 -8.67
N GLU B 106 20.63 -8.41 -9.23
CA GLU B 106 20.86 -8.19 -10.66
C GLU B 106 19.77 -8.91 -11.48
N ALA B 107 19.51 -10.17 -11.14
CA ALA B 107 18.51 -10.95 -11.85
C ALA B 107 17.10 -10.39 -11.68
N ALA B 108 16.74 -10.07 -10.44
CA ALA B 108 15.41 -9.55 -10.16
C ALA B 108 15.20 -8.21 -10.86
N THR B 109 16.23 -7.36 -10.87
CA THR B 109 16.13 -6.06 -11.55
C THR B 109 15.91 -6.24 -13.06
N ARG B 110 16.65 -7.16 -13.66
CA ARG B 110 16.45 -7.45 -15.07
C ARG B 110 15.01 -7.89 -15.34
N ASP B 111 14.48 -8.80 -14.51
CA ASP B 111 13.12 -9.29 -14.65
C ASP B 111 12.09 -8.16 -14.50
N LEU B 112 12.28 -7.30 -13.50
CA LEU B 112 11.36 -6.19 -13.25
C LEU B 112 11.40 -5.17 -14.39
N MET B 113 12.60 -4.83 -14.85
CA MET B 113 12.78 -3.92 -15.99
CA MET B 113 12.72 -3.92 -15.97
C MET B 113 12.05 -4.45 -17.23
N ALA B 114 12.13 -5.77 -17.45
CA ALA B 114 11.51 -6.41 -18.61
C ALA B 114 9.99 -6.28 -18.61
N MET B 115 9.37 -6.12 -17.45
CA MET B 115 7.92 -5.90 -17.38
C MET B 115 7.57 -4.47 -16.94
N ASP B 116 8.55 -3.55 -17.00
CA ASP B 116 8.33 -2.13 -16.69
C ASP B 116 7.65 -1.90 -15.34
N PHE B 117 8.00 -2.73 -14.35
CA PHE B 117 7.45 -2.61 -13.01
C PHE B 117 5.93 -2.57 -12.98
N GLY B 118 5.31 -3.25 -13.93
CA GLY B 118 3.85 -3.32 -13.99
C GLY B 118 3.18 -2.20 -14.75
N LEU B 119 3.95 -1.24 -15.26
CA LEU B 119 3.44 -0.06 -15.92
C LEU B 119 3.69 -0.10 -17.43
N GLY B 120 3.91 -1.28 -18.00
CA GLY B 120 4.20 -1.42 -19.43
C GLY B 120 3.19 -0.86 -20.40
N ALA B 121 1.93 -0.82 -19.97
CA ALA B 121 0.85 -0.34 -20.82
C ALA B 121 0.77 1.18 -20.85
N TYR B 122 1.50 1.84 -19.96
CA TYR B 122 1.60 3.29 -19.90
C TYR B 122 2.75 3.71 -20.81
N ASP B 123 2.69 4.93 -21.32
CA ASP B 123 3.85 5.51 -22.02
C ASP B 123 4.68 6.37 -21.06
N ALA B 124 5.83 6.80 -21.55
CA ALA B 124 6.75 7.53 -20.69
C ALA B 124 6.15 8.83 -20.20
N GLU B 125 5.33 9.48 -21.02
CA GLU B 125 4.66 10.71 -20.63
C GLU B 125 3.78 10.46 -19.40
N GLU B 126 2.99 9.40 -19.44
CA GLU B 126 2.09 9.09 -18.36
CA GLU B 126 2.09 9.05 -18.35
C GLU B 126 2.86 8.73 -17.08
N CME B 127 3.95 7.98 -17.20
CA CME B 127 4.80 7.67 -16.04
CA CME B 127 4.78 7.68 -16.03
CB CME B 127 5.85 6.60 -16.40
CB CME B 127 5.81 6.62 -16.35
SG CME B 127 5.13 4.95 -16.47
SG CME B 127 4.99 5.04 -16.47
SD CME B 127 6.44 3.66 -17.20
SD CME B 127 6.41 3.89 -17.19
CE CME B 127 5.95 3.40 -18.87
CE CME B 127 6.06 4.21 -18.88
CZ CME B 127 7.13 2.89 -19.71
CZ CME B 127 6.63 3.15 -19.82
OH CME B 127 8.05 3.97 -19.94
OH CME B 127 6.40 1.87 -19.26
C CME B 127 5.41 8.94 -15.47
O CME B 127 5.50 9.12 -14.26
N GLY B 128 5.84 9.84 -16.33
CA GLY B 128 6.39 11.12 -15.87
C GLY B 128 5.36 11.96 -15.15
N GLU B 129 4.12 11.96 -15.64
CA GLU B 129 3.03 12.65 -14.94
C GLU B 129 2.78 12.08 -13.54
N ILE B 130 2.81 10.77 -13.40
CA ILE B 130 2.64 10.15 -12.10
C ILE B 130 3.70 10.66 -11.12
N PHE B 131 4.98 10.63 -11.55
CA PHE B 131 6.06 11.15 -10.75
C PHE B 131 5.83 12.61 -10.37
N ALA B 132 5.54 13.43 -11.37
CA ALA B 132 5.45 14.87 -11.14
C ALA B 132 4.28 15.20 -10.19
N MET B 133 3.16 14.49 -10.34
CA MET B 133 1.98 14.82 -9.58
C MET B 133 2.08 14.38 -8.12
N LEU B 134 2.78 13.28 -7.85
CA LEU B 134 2.90 12.79 -6.48
C LEU B 134 4.12 13.40 -5.76
N ARG B 135 4.98 14.10 -6.49
CA ARG B 135 6.20 14.62 -5.90
C ARG B 135 5.95 15.56 -4.68
N PRO B 136 4.96 16.48 -4.75
CA PRO B 136 4.80 17.40 -3.61
C PRO B 136 4.42 16.69 -2.31
N LEU B 137 3.64 15.63 -2.43
CA LEU B 137 3.27 14.85 -1.26
C LEU B 137 4.52 14.22 -0.63
N ARG B 138 5.40 13.70 -1.49
CA ARG B 138 6.65 13.11 -1.05
C ARG B 138 7.64 14.14 -0.45
N VAL B 139 7.69 15.32 -1.04
CA VAL B 139 8.51 16.41 -0.49
C VAL B 139 8.11 16.70 0.95
N ALA B 140 6.81 16.81 1.19
CA ALA B 140 6.34 17.06 2.54
C ALA B 140 6.66 15.94 3.55
N ALA B 141 6.79 14.71 3.06
CA ALA B 141 7.17 13.59 3.87
C ALA B 141 8.67 13.49 4.13
N GLY B 142 9.47 14.33 3.48
CA GLY B 142 10.91 14.32 3.66
C GLY B 142 11.68 13.49 2.64
N ASP B 143 11.02 13.01 1.59
CA ASP B 143 11.68 12.06 0.68
C ASP B 143 12.82 12.70 -0.11
N PHE B 144 12.83 14.02 -0.21
CA PHE B 144 13.79 14.76 -1.02
C PHE B 144 14.71 15.65 -0.19
N ASP B 145 14.85 15.34 1.10
CA ASP B 145 15.81 16.07 1.94
C ASP B 145 16.66 15.10 2.73
N GLU B 146 17.92 15.47 2.95
CA GLU B 146 18.83 14.66 3.76
C GLU B 146 18.44 14.69 5.24
CL CL C . -19.14 -15.94 1.65
CL CL D . 21.52 0.35 13.45
#